data_8TJ7
#
_entry.id   8TJ7
#
_cell.length_a   98.329
_cell.length_b   98.329
_cell.length_c   270.770
_cell.angle_alpha   90.00
_cell.angle_beta   90.00
_cell.angle_gamma   120.00
#
_symmetry.space_group_name_H-M   'H 3'
#
loop_
_entity.id
_entity.type
_entity.pdbx_description
1 polymer 'Hemagglutinin HA1 chain'
2 polymer 'Hemagglutinin HA2 chain'
3 branched alpha-D-mannopyranose-(1-3)-[alpha-D-mannopyranose-(1-6)]beta-D-mannopyranose-(1-4)-2-acetamido-2-deoxy-beta-D-glucopyranose-(1-4)-2-acetamido-2-deoxy-beta-D-glucopyranose
4 branched 2-acetamido-2-deoxy-beta-D-glucopyranose-(1-4)-2-acetamido-2-deoxy-beta-D-glucopyranose
5 branched 'N-acetyl-alpha-neuraminic acid-(2-6)-beta-D-galactopyranose-(1-4)-2-acetamido-2-deoxy-beta-D-glucopyranose'
6 non-polymer 2-acetamido-2-deoxy-beta-D-glucopyranose
7 water water
#
loop_
_entity_poly.entity_id
_entity_poly.type
_entity_poly.pdbx_seq_one_letter_code
_entity_poly.pdbx_strand_id
1 'polypeptide(L)'
;ADPGATLCLGHHAVPNGTLVKTITNDQIEVTNATELVQSSSTGRICGSPHRILDGKNCTLIDALLGDPHCDGFQNKEWDL
FVERSKAYSNCYPYDVPDYASLRSLVASSGTLEFINEDFNWTGVAQDGGSYACKRGSVNSFFSRLNWLHKLEYKYPALNV
TMPNNGKFDKLYIWGVHHPSTDSDQTSLYVRASGRVTVSTKRSQQTVTPNIGSRPWVRGQSSRISIYWTIVKPGDILLIN
STGNLIAPRGYFKIRNGKSSIMRSDAPIGNCSSECITPNGSIPNDKPFQNVNRITYGACPRYVKQNTLKLATGMRNVPEK
QTR
;
A
2 'polypeptide(L)'
;GIFGAIAGFIENGWEGMVDGWYGFRHQNSEGTGQAADLKSTQAAIDQINGKLNRLIEKTNEKFQQIEKEFSEVEGRIQDL
EKYVEDTKIDLWSYNAELLVALENQHTIDLTDSEMNKLFEKTRKQLRENAEDMGNGCFKIYHKCDNACIGSIRNGTYDHD
VYRDEALNNRFQIK
;
B
#
# COMPACT_ATOMS: atom_id res chain seq x y z
N PRO A 3 -29.76 -54.12 27.09
CA PRO A 3 -28.72 -53.56 26.22
C PRO A 3 -28.39 -52.11 26.53
N GLY A 4 -29.11 -51.16 25.93
CA GLY A 4 -28.84 -49.76 26.20
C GLY A 4 -28.71 -48.86 24.98
N ALA A 5 -27.63 -48.09 24.89
CA ALA A 5 -27.47 -47.13 23.81
C ALA A 5 -26.01 -46.79 23.61
N THR A 6 -25.72 -46.22 22.45
CA THR A 6 -24.41 -45.72 22.06
C THR A 6 -24.51 -44.24 21.68
N LEU A 7 -23.62 -43.42 22.22
CA LEU A 7 -23.55 -42.00 21.94
C LEU A 7 -22.17 -41.68 21.39
N CYS A 8 -22.12 -41.24 20.14
CA CYS A 8 -20.86 -40.90 19.47
C CYS A 8 -20.70 -39.39 19.35
N LEU A 9 -19.48 -38.93 19.58
CA LEU A 9 -19.09 -37.54 19.45
C LEU A 9 -18.25 -37.38 18.19
N GLY A 10 -18.46 -36.28 17.47
CA GLY A 10 -17.90 -36.14 16.14
C GLY A 10 -17.77 -34.70 15.73
N HIS A 11 -17.18 -34.50 14.56
CA HIS A 11 -16.96 -33.17 14.02
C HIS A 11 -17.33 -33.18 12.54
N HIS A 12 -17.54 -31.98 11.98
CA HIS A 12 -18.02 -31.97 10.61
C HIS A 12 -16.88 -32.19 9.63
N ALA A 13 -17.26 -32.39 8.37
CA ALA A 13 -16.31 -32.47 7.28
C ALA A 13 -16.99 -31.92 6.04
N VAL A 14 -16.19 -31.54 5.07
CA VAL A 14 -16.73 -31.06 3.80
C VAL A 14 -16.13 -31.93 2.70
N PRO A 15 -16.79 -32.08 1.55
CA PRO A 15 -16.15 -32.78 0.43
C PRO A 15 -15.12 -31.95 -0.33
N ASN A 16 -15.17 -30.62 -0.24
CA ASN A 16 -14.29 -29.74 -1.02
C ASN A 16 -13.34 -28.94 -0.12
N GLY A 17 -12.38 -29.62 0.50
CA GLY A 17 -11.47 -28.96 1.42
C GLY A 17 -10.40 -28.15 0.68
N THR A 18 -9.59 -27.44 1.47
CA THR A 18 -8.54 -26.57 0.94
C THR A 18 -7.25 -26.84 1.68
N LEU A 19 -6.13 -26.77 0.94
CA LEU A 19 -4.82 -27.05 1.48
C LEU A 19 -4.19 -25.78 2.03
N VAL A 20 -3.64 -25.86 3.24
CA VAL A 20 -2.95 -24.75 3.89
C VAL A 20 -1.60 -25.24 4.40
N LYS A 21 -0.75 -24.28 4.75
CA LYS A 21 0.58 -24.54 5.31
C LYS A 21 0.59 -24.36 6.82
N THR A 22 1.39 -25.19 7.49
CA THR A 22 1.65 -25.03 8.92
C THR A 22 3.16 -25.03 9.14
N ILE A 23 3.56 -24.95 10.42
CA ILE A 23 4.96 -25.11 10.78
C ILE A 23 5.46 -26.48 10.37
N THR A 24 4.60 -27.48 10.47
CA THR A 24 5.01 -28.86 10.31
C THR A 24 4.86 -29.30 8.85
N ASN A 25 3.83 -28.83 8.17
CA ASN A 25 3.34 -29.45 6.94
C ASN A 25 3.12 -28.34 5.93
N ASP A 26 3.70 -28.48 4.74
CA ASP A 26 3.46 -27.49 3.69
C ASP A 26 2.03 -27.52 3.17
N GLN A 27 1.35 -28.66 3.28
CA GLN A 27 0.01 -28.82 2.73
C GLN A 27 -0.75 -29.84 3.56
N ILE A 28 -1.69 -29.35 4.38
CA ILE A 28 -2.65 -30.15 5.14
C ILE A 28 -4.05 -29.64 4.83
N GLU A 29 -5.02 -30.55 4.69
CA GLU A 29 -6.37 -30.15 4.24
C GLU A 29 -7.26 -29.73 5.41
N VAL A 30 -7.89 -28.56 5.26
CA VAL A 30 -8.82 -27.99 6.23
C VAL A 30 -10.16 -27.75 5.53
N THR A 31 -11.21 -27.48 6.32
CA THR A 31 -12.55 -27.37 5.74
C THR A 31 -12.79 -26.05 5.02
N ASN A 32 -12.05 -24.99 5.34
CA ASN A 32 -12.29 -23.65 4.81
C ASN A 32 -11.05 -22.80 5.07
N ALA A 33 -10.82 -21.83 4.19
CA ALA A 33 -9.70 -20.91 4.34
C ALA A 33 -10.03 -19.61 3.62
N THR A 34 -9.23 -18.59 3.89
CA THR A 34 -9.42 -17.29 3.26
C THR A 34 -8.08 -16.78 2.78
N GLU A 35 -8.10 -16.14 1.61
CA GLU A 35 -6.89 -15.63 0.98
C GLU A 35 -6.42 -14.36 1.70
N LEU A 36 -5.15 -14.33 2.09
CA LEU A 36 -4.61 -13.14 2.75
C LEU A 36 -3.78 -12.26 1.83
N VAL A 37 -3.52 -12.66 0.59
CA VAL A 37 -2.75 -11.87 -0.35
C VAL A 37 -3.69 -11.32 -1.42
N GLN A 38 -3.78 -10.00 -1.50
CA GLN A 38 -4.47 -9.33 -2.59
C GLN A 38 -3.61 -9.42 -3.86
N SER A 39 -4.18 -9.99 -4.93
CA SER A 39 -3.46 -10.21 -6.17
C SER A 39 -4.15 -9.64 -7.40
N SER A 40 -5.28 -8.92 -7.23
CA SER A 40 -5.96 -8.27 -8.35
C SER A 40 -6.15 -6.78 -8.07
N SER A 41 -6.35 -6.03 -9.17
CA SER A 41 -6.73 -4.62 -9.18
C SER A 41 -7.90 -4.43 -10.14
N THR A 42 -8.74 -3.42 -9.89
CA THR A 42 -9.75 -3.06 -10.89
C THR A 42 -9.16 -2.61 -12.20
N GLY A 43 -7.92 -2.12 -12.15
CA GLY A 43 -7.16 -1.61 -13.27
C GLY A 43 -7.34 -0.11 -13.50
N ARG A 44 -8.13 0.54 -12.65
CA ARG A 44 -8.37 1.99 -12.64
C ARG A 44 -8.05 2.54 -11.27
N ILE A 45 -7.57 3.79 -11.24
CA ILE A 45 -7.34 4.51 -9.98
C ILE A 45 -8.59 5.29 -9.59
N CYS A 46 -9.15 4.96 -8.43
CA CYS A 46 -10.35 5.63 -7.95
C CYS A 46 -10.05 7.05 -7.49
N GLY A 47 -10.87 8.01 -7.94
CA GLY A 47 -10.72 9.40 -7.59
C GLY A 47 -11.11 9.77 -6.17
N SER A 48 -11.61 8.82 -5.39
CA SER A 48 -11.93 9.04 -3.99
C SER A 48 -11.23 8.00 -3.13
N PRO A 49 -10.87 8.33 -1.89
CA PRO A 49 -11.06 9.61 -1.18
C PRO A 49 -9.90 10.59 -1.32
N HIS A 50 -8.93 10.24 -2.15
CA HIS A 50 -7.72 11.09 -2.29
C HIS A 50 -7.91 12.09 -3.44
N ARG A 51 -7.29 13.27 -3.34
CA ARG A 51 -7.35 14.25 -4.43
C ARG A 51 -6.39 13.81 -5.52
N ILE A 52 -6.91 13.19 -6.57
CA ILE A 52 -6.05 12.70 -7.68
C ILE A 52 -5.95 13.78 -8.74
N LEU A 53 -4.74 14.16 -9.11
CA LEU A 53 -4.48 15.12 -10.19
C LEU A 53 -3.83 14.38 -11.34
N ASP A 54 -4.57 14.24 -12.44
CA ASP A 54 -4.05 13.55 -13.61
C ASP A 54 -3.10 14.50 -14.34
N GLY A 55 -1.83 14.11 -14.42
CA GLY A 55 -0.82 14.89 -15.12
C GLY A 55 -1.04 15.00 -16.61
N LYS A 56 -1.83 14.09 -17.18
CA LYS A 56 -2.14 14.07 -18.61
C LYS A 56 -0.84 14.06 -19.41
N ASN A 57 -0.69 15.06 -20.27
CA ASN A 57 0.49 15.19 -21.13
C ASN A 57 1.64 15.87 -20.42
N CYS A 58 1.49 16.16 -19.13
CA CYS A 58 2.41 16.99 -18.39
C CYS A 58 3.09 16.20 -17.28
N THR A 59 4.41 16.28 -17.22
CA THR A 59 5.09 15.90 -16.00
C THR A 59 4.86 16.98 -14.94
N LEU A 60 5.10 16.60 -13.69
CA LEU A 60 5.02 17.57 -12.60
C LEU A 60 5.98 18.73 -12.84
N ILE A 61 7.20 18.43 -13.28
CA ILE A 61 8.20 19.46 -13.50
C ILE A 61 7.78 20.41 -14.62
N ASP A 62 7.19 19.88 -15.70
CA ASP A 62 6.70 20.76 -16.76
C ASP A 62 5.57 21.65 -16.28
N ALA A 63 4.70 21.13 -15.42
CA ALA A 63 3.64 21.93 -14.81
C ALA A 63 4.20 23.00 -13.88
N LEU A 64 5.26 22.68 -13.14
CA LEU A 64 5.89 23.64 -12.25
C LEU A 64 6.48 24.81 -13.02
N LEU A 65 7.36 24.50 -13.98
CA LEU A 65 8.01 25.56 -14.75
C LEU A 65 6.98 26.36 -15.54
N GLY A 66 5.95 25.68 -16.04
CA GLY A 66 4.89 26.34 -16.78
C GLY A 66 5.08 26.21 -18.28
N ASP A 67 5.43 25.00 -18.72
CA ASP A 67 5.39 24.66 -20.13
C ASP A 67 3.99 24.96 -20.66
N PRO A 68 3.86 25.70 -21.78
CA PRO A 68 2.53 26.18 -22.21
C PRO A 68 1.41 25.15 -22.28
N HIS A 69 1.66 23.91 -22.70
CA HIS A 69 0.52 22.99 -22.76
C HIS A 69 0.13 22.49 -21.37
N CYS A 70 0.90 22.88 -20.35
CA CYS A 70 0.63 22.59 -18.95
C CYS A 70 0.06 23.79 -18.19
N ASP A 71 -0.30 24.86 -18.89
CA ASP A 71 -0.77 26.07 -18.21
C ASP A 71 -1.96 25.78 -17.31
N GLY A 72 -2.82 24.84 -17.69
CA GLY A 72 -3.98 24.50 -16.89
C GLY A 72 -3.66 23.96 -15.52
N PHE A 73 -2.41 23.57 -15.27
CA PHE A 73 -2.02 23.07 -13.96
C PHE A 73 -1.58 24.15 -12.98
N GLN A 74 -1.60 25.41 -13.39
CA GLN A 74 -1.17 26.50 -12.53
C GLN A 74 -1.93 26.49 -11.21
N ASN A 75 -1.20 26.64 -10.11
CA ASN A 75 -1.73 26.77 -8.75
C ASN A 75 -2.56 25.56 -8.29
N LYS A 76 -2.48 24.42 -8.97
CA LYS A 76 -3.33 23.30 -8.60
C LYS A 76 -2.71 22.52 -7.43
N GLU A 77 -3.53 21.65 -6.84
CA GLU A 77 -3.16 20.87 -5.65
C GLU A 77 -3.45 19.40 -5.90
N TRP A 78 -2.84 18.54 -5.08
CA TRP A 78 -3.10 17.11 -5.19
C TRP A 78 -2.78 16.42 -3.86
N ASP A 79 -3.44 15.28 -3.65
CA ASP A 79 -2.93 14.24 -2.77
C ASP A 79 -1.99 13.29 -3.51
N LEU A 80 -2.35 12.90 -4.73
CA LEU A 80 -1.51 12.06 -5.56
C LEU A 80 -1.44 12.65 -6.96
N PHE A 81 -0.24 13.00 -7.40
CA PHE A 81 -0.04 13.44 -8.77
C PHE A 81 0.25 12.19 -9.60
N VAL A 82 -0.53 11.97 -10.65
CA VAL A 82 -0.36 10.80 -11.50
C VAL A 82 0.31 11.27 -12.78
N GLU A 83 1.56 10.86 -12.98
CA GLU A 83 2.32 11.22 -14.17
C GLU A 83 2.14 10.12 -15.21
N ARG A 84 1.83 10.51 -16.45
CA ARG A 84 1.52 9.54 -17.50
C ARG A 84 2.74 9.38 -18.40
N SER A 85 2.94 8.16 -18.90
CA SER A 85 4.09 7.86 -19.72
C SER A 85 4.02 8.53 -21.10
N LYS A 86 2.85 8.96 -21.56
CA LYS A 86 2.79 9.67 -22.84
C LYS A 86 3.18 11.14 -22.72
N ALA A 87 3.45 11.64 -21.51
CA ALA A 87 3.73 13.06 -21.32
C ALA A 87 4.93 13.50 -22.12
N TYR A 88 4.88 14.75 -22.57
CA TYR A 88 5.90 15.34 -23.43
C TYR A 88 6.22 16.75 -22.98
N SER A 89 7.49 17.12 -23.01
CA SER A 89 7.86 18.52 -22.87
C SER A 89 7.75 19.19 -24.24
N ASN A 90 7.33 20.45 -24.25
CA ASN A 90 7.18 21.14 -25.52
C ASN A 90 7.54 22.61 -25.38
N CYS A 91 8.60 22.90 -24.62
CA CYS A 91 9.00 24.27 -24.39
C CYS A 91 10.49 24.38 -24.71
N TYR A 92 11.19 25.31 -24.07
CA TYR A 92 12.62 25.40 -24.30
C TYR A 92 13.29 24.13 -23.75
N PRO A 93 14.23 23.54 -24.49
CA PRO A 93 14.90 22.34 -23.96
C PRO A 93 15.55 22.68 -22.64
N TYR A 94 15.42 21.77 -21.68
CA TYR A 94 15.97 22.00 -20.36
C TYR A 94 16.43 20.71 -19.72
N ASP A 95 17.28 20.85 -18.71
CA ASP A 95 17.64 19.75 -17.82
C ASP A 95 17.60 20.31 -16.41
N VAL A 96 17.37 19.43 -15.45
CA VAL A 96 17.32 19.78 -14.03
C VAL A 96 18.33 18.91 -13.29
N PRO A 97 19.48 19.46 -12.91
CA PRO A 97 20.38 18.72 -12.02
C PRO A 97 19.65 18.29 -10.78
N ASP A 98 19.79 17.01 -10.41
CA ASP A 98 19.04 16.46 -9.30
C ASP A 98 17.55 16.72 -9.54
N TYR A 99 17.15 16.49 -10.80
CA TYR A 99 15.74 16.40 -11.17
C TYR A 99 14.93 15.62 -10.15
N ALA A 100 15.43 14.46 -9.72
CA ALA A 100 14.63 13.59 -8.88
C ALA A 100 14.26 14.29 -7.57
N SER A 101 15.20 15.03 -6.99
CA SER A 101 14.93 15.72 -5.74
C SER A 101 13.92 16.86 -5.91
N LEU A 102 14.01 17.63 -6.99
CA LEU A 102 13.04 18.70 -7.19
C LEU A 102 11.65 18.11 -7.36
N ARG A 103 11.54 17.05 -8.16
CA ARG A 103 10.27 16.39 -8.34
C ARG A 103 9.73 15.90 -7.00
N SER A 104 10.61 15.34 -6.16
CA SER A 104 10.19 14.80 -4.87
C SER A 104 9.66 15.89 -3.96
N LEU A 105 10.38 17.00 -3.83
CA LEU A 105 9.99 18.01 -2.86
C LEU A 105 8.76 18.78 -3.33
N VAL A 106 8.60 18.96 -4.64
CA VAL A 106 7.37 19.58 -5.13
C VAL A 106 6.21 18.62 -4.94
N ALA A 107 6.41 17.34 -5.25
CA ALA A 107 5.36 16.35 -5.10
C ALA A 107 4.91 16.26 -3.65
N SER A 108 5.86 16.34 -2.71
CA SER A 108 5.55 16.22 -1.30
C SER A 108 4.80 17.44 -0.79
N SER A 109 5.08 18.61 -1.37
CA SER A 109 4.36 19.80 -0.97
C SER A 109 2.89 19.71 -1.39
N GLY A 110 2.63 19.10 -2.54
CA GLY A 110 1.28 18.81 -2.93
C GLY A 110 0.56 19.98 -3.54
N THR A 111 1.28 21.02 -3.94
CA THR A 111 0.67 22.21 -4.51
C THR A 111 1.65 22.86 -5.48
N LEU A 112 1.10 23.45 -6.54
CA LEU A 112 1.84 24.35 -7.42
C LEU A 112 1.42 25.81 -7.21
N GLU A 113 0.85 26.13 -6.06
CA GLU A 113 0.44 27.49 -5.76
C GLU A 113 1.63 28.43 -5.87
N PHE A 114 1.50 29.43 -6.76
CA PHE A 114 2.59 30.33 -7.12
C PHE A 114 2.19 31.75 -6.76
N ILE A 115 3.09 32.47 -6.10
CA ILE A 115 2.83 33.83 -5.63
C ILE A 115 3.77 34.75 -6.41
N ASN A 116 3.20 35.59 -7.28
CA ASN A 116 4.01 36.57 -8.02
C ASN A 116 4.60 37.64 -7.11
N GLU A 117 5.87 37.95 -7.37
CA GLU A 117 6.59 39.00 -6.67
C GLU A 117 7.15 40.03 -7.65
N ASP A 118 7.27 41.29 -7.19
CA ASP A 118 7.74 42.40 -8.03
C ASP A 118 9.25 42.54 -7.88
N PHE A 119 10.01 41.77 -8.66
CA PHE A 119 11.45 41.94 -8.66
C PHE A 119 11.82 43.26 -9.35
N ASN A 120 12.93 43.86 -8.93
CA ASN A 120 13.37 45.10 -9.55
C ASN A 120 14.41 44.75 -10.62
N TRP A 121 13.93 44.58 -11.85
CA TRP A 121 14.78 44.27 -13.00
C TRP A 121 15.06 45.49 -13.86
N THR A 122 15.06 46.69 -13.28
CA THR A 122 15.41 47.85 -14.09
C THR A 122 16.83 47.72 -14.63
N GLY A 123 16.98 47.96 -15.92
CA GLY A 123 18.24 47.88 -16.62
C GLY A 123 18.38 46.70 -17.55
N VAL A 124 17.50 45.70 -17.46
CA VAL A 124 17.44 44.61 -18.42
C VAL A 124 16.03 44.48 -18.96
N ALA A 125 15.93 43.91 -20.16
CA ALA A 125 14.62 43.60 -20.72
C ALA A 125 14.09 42.31 -20.12
N GLN A 126 12.78 42.12 -20.23
CA GLN A 126 12.12 40.96 -19.64
C GLN A 126 11.31 40.23 -20.71
N ASP A 127 10.79 39.06 -20.30
CA ASP A 127 9.86 38.28 -21.12
C ASP A 127 10.48 37.88 -22.45
N GLY A 128 11.71 37.38 -22.39
CA GLY A 128 12.30 36.72 -23.54
C GLY A 128 11.55 35.45 -23.89
N GLY A 129 11.57 35.11 -25.19
CA GLY A 129 10.90 33.92 -25.67
C GLY A 129 11.60 33.26 -26.83
N SER A 130 11.01 32.17 -27.30
CA SER A 130 11.63 31.28 -28.28
C SER A 130 10.54 30.60 -29.11
N TYR A 131 10.83 30.32 -30.38
CA TYR A 131 9.86 29.58 -31.18
C TYR A 131 9.73 28.13 -30.73
N ALA A 132 10.67 27.62 -29.94
CA ALA A 132 10.55 26.28 -29.38
C ALA A 132 9.53 26.18 -28.25
N CYS A 133 8.95 27.30 -27.81
CA CYS A 133 8.05 27.30 -26.67
C CYS A 133 6.87 28.21 -27.02
N LYS A 134 6.07 27.76 -27.99
CA LYS A 134 4.95 28.55 -28.47
C LYS A 134 3.82 28.54 -27.45
N ARG A 135 3.26 29.71 -27.15
CA ARG A 135 2.06 29.85 -26.34
C ARG A 135 1.04 30.56 -27.22
N GLY A 136 0.05 29.82 -27.70
CA GLY A 136 -0.74 30.33 -28.81
C GLY A 136 0.20 30.49 -30.00
N SER A 137 0.18 31.66 -30.62
CA SER A 137 1.03 31.93 -31.78
C SER A 137 2.33 32.62 -31.41
N VAL A 138 2.38 33.28 -30.26
CA VAL A 138 3.52 34.11 -29.87
C VAL A 138 4.65 33.22 -29.36
N ASN A 139 5.87 33.49 -29.80
CA ASN A 139 7.04 32.92 -29.15
C ASN A 139 6.97 33.24 -27.67
N SER A 140 7.25 32.24 -26.83
CA SER A 140 7.06 32.46 -25.41
C SER A 140 8.05 31.69 -24.56
N PHE A 141 7.66 31.39 -23.33
CA PHE A 141 8.58 30.79 -22.39
C PHE A 141 7.79 30.19 -21.24
N PHE A 142 8.51 29.46 -20.38
CA PHE A 142 7.95 28.96 -19.14
C PHE A 142 7.19 30.07 -18.43
N SER A 143 5.94 29.78 -18.05
CA SER A 143 5.09 30.83 -17.49
C SER A 143 5.65 31.35 -16.18
N ARG A 144 6.30 30.49 -15.39
CA ARG A 144 6.75 30.92 -14.07
C ARG A 144 8.17 31.48 -14.09
N LEU A 145 8.80 31.56 -15.26
CA LEU A 145 10.18 32.01 -15.37
C LEU A 145 10.25 33.27 -16.23
N ASN A 146 11.25 34.10 -15.98
CA ASN A 146 11.37 35.40 -16.64
C ASN A 146 12.75 35.47 -17.29
N TRP A 147 12.79 35.32 -18.61
CA TRP A 147 14.05 35.32 -19.38
C TRP A 147 14.53 36.76 -19.62
N LEU A 148 15.55 37.18 -18.89
CA LEU A 148 16.09 38.53 -18.99
C LEU A 148 17.17 38.58 -20.06
N HIS A 149 17.13 39.63 -20.90
CA HIS A 149 18.14 39.86 -21.93
C HIS A 149 18.47 41.35 -21.97
N LYS A 150 19.35 41.74 -22.89
CA LYS A 150 19.91 43.08 -22.84
C LYS A 150 18.88 44.12 -23.28
N LEU A 151 19.07 45.35 -22.82
CA LEU A 151 18.19 46.47 -23.09
C LEU A 151 19.03 47.64 -23.57
N GLU A 152 18.70 48.16 -24.76
CA GLU A 152 19.54 49.10 -25.49
C GLU A 152 21.02 48.69 -25.44
N TYR A 153 21.26 47.42 -25.79
CA TYR A 153 22.58 46.88 -26.09
C TYR A 153 23.50 46.89 -24.88
N LYS A 154 22.93 46.95 -23.67
CA LYS A 154 23.68 46.81 -22.44
C LYS A 154 22.94 45.84 -21.52
N TYR A 155 23.69 45.08 -20.74
CA TYR A 155 23.12 44.27 -19.68
C TYR A 155 23.89 44.57 -18.40
N PRO A 156 23.34 45.37 -17.50
CA PRO A 156 24.11 45.79 -16.32
C PRO A 156 24.05 44.71 -15.26
N ALA A 157 25.10 44.65 -14.44
CA ALA A 157 25.16 43.68 -13.35
C ALA A 157 23.93 43.81 -12.47
N LEU A 158 23.13 42.76 -12.41
CA LEU A 158 21.93 42.80 -11.59
C LEU A 158 22.29 42.43 -10.16
N ASN A 159 21.71 43.15 -9.21
CA ASN A 159 21.84 42.83 -7.79
C ASN A 159 20.46 43.07 -7.19
N VAL A 160 19.68 42.00 -7.06
CA VAL A 160 18.25 42.08 -6.75
C VAL A 160 18.00 41.23 -5.52
N THR A 161 17.23 41.76 -4.58
CA THR A 161 16.96 41.02 -3.35
C THR A 161 15.46 40.86 -3.14
N MET A 162 15.10 39.88 -2.30
CA MET A 162 13.70 39.70 -1.93
C MET A 162 13.55 39.17 -0.50
N PRO A 163 13.12 39.98 0.47
CA PRO A 163 13.01 39.45 1.85
C PRO A 163 11.82 38.54 2.04
N ASN A 164 11.98 37.50 2.87
CA ASN A 164 10.84 36.71 3.32
C ASN A 164 10.38 37.30 4.63
N ASN A 165 9.37 38.18 4.56
CA ASN A 165 8.74 38.72 5.75
C ASN A 165 7.50 37.95 6.17
N GLY A 166 7.20 36.83 5.52
CA GLY A 166 6.09 35.99 5.88
C GLY A 166 6.45 35.02 6.99
N LYS A 167 5.59 34.01 7.15
CA LYS A 167 5.78 32.98 8.17
C LYS A 167 5.92 31.59 7.57
N PHE A 168 6.10 31.48 6.25
CA PHE A 168 6.19 30.21 5.58
C PHE A 168 7.42 30.20 4.67
N ASP A 169 7.81 29.00 4.25
CA ASP A 169 8.93 28.85 3.34
C ASP A 169 8.51 29.18 1.91
N LYS A 170 9.43 29.79 1.17
CA LYS A 170 9.25 30.13 -0.22
C LYS A 170 10.13 29.25 -1.09
N LEU A 171 9.55 28.66 -2.14
CA LEU A 171 10.31 27.86 -3.09
C LEU A 171 10.56 28.74 -4.31
N TYR A 172 11.81 28.99 -4.66
CA TYR A 172 12.13 29.76 -5.85
C TYR A 172 12.73 28.86 -6.92
N ILE A 173 12.17 28.94 -8.13
CA ILE A 173 12.69 28.20 -9.27
C ILE A 173 13.29 29.21 -10.24
N TRP A 174 14.53 28.96 -10.66
CA TRP A 174 15.23 29.87 -11.55
C TRP A 174 16.13 29.03 -12.44
N GLY A 175 16.77 29.69 -13.41
CA GLY A 175 17.59 28.96 -14.35
C GLY A 175 18.75 29.75 -14.89
N VAL A 176 19.54 29.06 -15.70
CA VAL A 176 20.72 29.58 -16.38
C VAL A 176 20.61 29.19 -17.85
N HIS A 177 20.77 30.17 -18.74
CA HIS A 177 20.74 29.92 -20.17
C HIS A 177 22.13 29.55 -20.69
N HIS A 178 22.19 28.45 -21.45
CA HIS A 178 23.42 28.07 -22.14
C HIS A 178 23.24 28.33 -23.63
N PRO A 179 23.71 29.46 -24.15
CA PRO A 179 23.52 29.74 -25.58
C PRO A 179 24.30 28.79 -26.46
N SER A 180 23.83 28.68 -27.71
CA SER A 180 24.45 27.79 -28.68
C SER A 180 25.81 28.32 -29.13
N THR A 181 25.92 29.63 -29.29
CA THR A 181 27.12 30.21 -29.89
C THR A 181 27.54 31.46 -29.14
N ASP A 182 28.80 31.84 -29.39
CA ASP A 182 29.34 33.07 -28.82
C ASP A 182 28.58 34.27 -29.33
N SER A 183 28.20 34.25 -30.62
CA SER A 183 27.39 35.33 -31.17
C SER A 183 26.11 35.51 -30.37
N ASP A 184 25.40 34.41 -30.09
CA ASP A 184 24.15 34.51 -29.34
C ASP A 184 24.41 34.90 -27.88
N GLN A 185 25.50 34.40 -27.29
CA GLN A 185 25.89 34.86 -25.96
C GLN A 185 25.98 36.38 -25.92
N THR A 186 26.74 36.97 -26.84
CA THR A 186 26.96 38.42 -26.81
C THR A 186 25.74 39.19 -27.33
N SER A 187 24.99 38.63 -28.26
CA SER A 187 23.82 39.32 -28.78
C SER A 187 22.72 39.42 -27.73
N LEU A 188 22.84 38.66 -26.64
CA LEU A 188 21.82 38.62 -25.60
C LEU A 188 22.28 39.33 -24.34
N TYR A 189 23.54 39.12 -23.99
CA TYR A 189 24.09 39.41 -22.68
C TYR A 189 25.35 40.28 -22.74
N VAL A 190 25.80 40.66 -23.93
CA VAL A 190 26.96 41.54 -24.17
C VAL A 190 28.26 40.83 -23.82
N ARG A 191 28.54 40.63 -22.53
CA ARG A 191 29.77 39.94 -22.16
C ARG A 191 29.80 38.53 -22.73
N ALA A 192 31.01 38.01 -22.94
CA ALA A 192 31.15 36.70 -23.57
C ALA A 192 30.83 35.56 -22.62
N SER A 193 30.86 35.78 -21.31
CA SER A 193 30.38 34.75 -20.41
C SER A 193 29.78 35.39 -19.16
N GLY A 194 28.60 34.92 -18.78
CA GLY A 194 27.93 35.45 -17.59
C GLY A 194 28.14 34.58 -16.38
N ARG A 195 27.47 34.90 -15.27
CA ARG A 195 27.58 34.09 -14.05
C ARG A 195 26.38 34.39 -13.16
N VAL A 196 25.65 33.36 -12.73
CA VAL A 196 24.42 33.58 -11.94
C VAL A 196 24.67 33.10 -10.52
N THR A 197 24.55 34.00 -9.56
CA THR A 197 24.73 33.65 -8.15
C THR A 197 23.42 33.94 -7.43
N VAL A 198 22.91 32.94 -6.72
CA VAL A 198 21.72 33.05 -5.89
C VAL A 198 22.12 32.67 -4.47
N SER A 199 21.85 33.58 -3.53
CA SER A 199 22.32 33.44 -2.16
C SER A 199 21.17 33.58 -1.18
N THR A 200 21.33 32.93 -0.03
CA THR A 200 20.60 33.24 1.19
C THR A 200 21.62 33.53 2.29
N LYS A 201 21.14 33.83 3.50
CA LYS A 201 22.08 33.94 4.61
C LYS A 201 22.84 32.65 4.90
N ARG A 202 22.30 31.49 4.51
CA ARG A 202 22.93 30.22 4.85
C ARG A 202 23.65 29.54 3.70
N SER A 203 23.42 29.95 2.46
CA SER A 203 23.77 29.09 1.33
C SER A 203 24.04 29.95 0.10
N GLN A 204 24.73 29.34 -0.87
CA GLN A 204 25.02 29.99 -2.15
C GLN A 204 25.15 29.00 -3.30
N GLN A 205 24.45 29.28 -4.40
CA GLN A 205 24.52 28.50 -5.64
C GLN A 205 24.94 29.43 -6.76
N THR A 206 26.13 29.24 -7.30
CA THR A 206 26.63 30.05 -8.41
C THR A 206 26.80 29.18 -9.65
N VAL A 207 26.34 29.69 -10.79
CA VAL A 207 26.34 28.92 -12.03
C VAL A 207 27.01 29.74 -13.14
N THR A 208 27.75 29.05 -13.99
CA THR A 208 28.37 29.60 -15.17
C THR A 208 27.78 28.96 -16.41
N PRO A 209 27.37 29.73 -17.41
CA PRO A 209 26.91 29.13 -18.66
C PRO A 209 28.06 28.46 -19.41
N ASN A 210 27.71 27.46 -20.21
CA ASN A 210 28.65 26.72 -21.03
C ASN A 210 28.17 26.86 -22.47
N ILE A 211 28.75 27.83 -23.17
CA ILE A 211 28.36 28.09 -24.56
C ILE A 211 28.79 26.89 -25.42
N GLY A 212 27.94 26.50 -26.34
CA GLY A 212 28.20 25.36 -27.20
C GLY A 212 26.93 24.59 -27.50
N SER A 213 26.95 23.87 -28.61
CA SER A 213 25.76 23.21 -29.12
C SER A 213 25.53 21.87 -28.44
N ARG A 214 24.27 21.58 -28.14
CA ARG A 214 23.91 20.38 -27.40
C ARG A 214 23.23 19.63 -28.54
N PRO A 215 22.55 18.49 -28.37
CA PRO A 215 21.93 17.91 -29.57
C PRO A 215 20.70 18.73 -29.92
N TRP A 216 20.33 18.67 -31.19
CA TRP A 216 19.19 19.41 -31.68
C TRP A 216 17.90 18.92 -31.03
N VAL A 217 17.14 19.81 -30.40
CA VAL A 217 15.89 19.45 -29.73
C VAL A 217 14.92 20.60 -29.95
N ARG A 218 13.78 20.29 -30.57
CA ARG A 218 12.69 21.24 -30.81
C ARG A 218 13.21 22.55 -31.37
N GLY A 219 14.14 22.47 -32.33
CA GLY A 219 14.59 23.64 -33.04
C GLY A 219 15.83 24.29 -32.48
N GLN A 220 16.32 23.80 -31.34
CA GLN A 220 17.39 24.43 -30.58
C GLN A 220 18.52 23.46 -30.25
N SER A 221 19.75 23.95 -30.38
CA SER A 221 20.92 23.24 -29.89
C SER A 221 21.35 23.76 -28.52
N SER A 222 20.59 24.67 -27.92
CA SER A 222 20.96 25.37 -26.70
C SER A 222 20.07 24.82 -25.58
N ARG A 223 20.43 25.12 -24.34
CA ARG A 223 19.74 24.55 -23.20
C ARG A 223 19.47 25.60 -22.14
N ILE A 224 18.58 25.25 -21.21
CA ILE A 224 18.47 25.94 -19.94
C ILE A 224 18.65 24.89 -18.85
N SER A 225 19.35 25.26 -17.79
CA SER A 225 19.47 24.46 -16.58
C SER A 225 18.64 25.01 -15.44
N ILE A 226 17.93 24.14 -14.73
CA ILE A 226 16.95 24.57 -13.74
C ILE A 226 17.58 24.36 -12.38
N TYR A 227 17.52 25.38 -11.54
CA TYR A 227 18.04 25.29 -10.19
C TYR A 227 16.93 25.75 -9.26
N TRP A 228 17.03 25.43 -7.96
CA TRP A 228 15.99 25.89 -7.06
C TRP A 228 16.63 26.31 -5.75
N THR A 229 15.95 27.20 -5.03
CA THR A 229 16.46 27.75 -3.78
C THR A 229 15.28 27.94 -2.84
N ILE A 230 15.37 27.42 -1.63
CA ILE A 230 14.33 27.65 -0.65
C ILE A 230 14.81 28.67 0.37
N VAL A 231 13.99 29.69 0.58
CA VAL A 231 14.30 30.80 1.47
C VAL A 231 13.35 30.71 2.67
N LYS A 232 13.90 30.57 3.85
CA LYS A 232 13.10 30.43 5.06
C LYS A 232 12.59 31.79 5.55
N PRO A 233 11.57 31.79 6.41
CA PRO A 233 11.13 33.05 7.02
C PRO A 233 12.27 33.78 7.70
N GLY A 234 12.31 35.10 7.50
CA GLY A 234 13.36 35.95 8.02
C GLY A 234 14.64 35.95 7.24
N ASP A 235 14.79 35.04 6.27
CA ASP A 235 15.96 35.03 5.41
C ASP A 235 15.65 35.86 4.18
N ILE A 236 16.56 35.91 3.22
CA ILE A 236 16.37 36.78 2.05
C ILE A 236 17.05 36.12 0.86
N LEU A 237 16.41 36.20 -0.31
CA LEU A 237 17.02 35.85 -1.58
C LEU A 237 17.72 37.05 -2.20
N LEU A 238 18.97 36.89 -2.61
CA LEU A 238 19.70 37.94 -3.28
C LEU A 238 20.21 37.35 -4.59
N ILE A 239 19.95 38.02 -5.71
CA ILE A 239 20.30 37.50 -7.04
C ILE A 239 21.31 38.42 -7.71
N ASN A 240 22.42 37.80 -8.15
CA ASN A 240 23.58 38.45 -8.77
C ASN A 240 23.94 37.68 -10.03
N SER A 241 23.95 38.40 -11.15
CA SER A 241 24.14 37.80 -12.46
C SER A 241 24.68 38.87 -13.40
N THR A 242 25.75 38.53 -14.11
CA THR A 242 26.30 39.37 -15.17
C THR A 242 25.81 38.94 -16.54
N GLY A 243 24.70 38.22 -16.60
CA GLY A 243 24.21 37.65 -17.85
C GLY A 243 23.75 36.21 -17.67
N ASN A 244 22.83 35.79 -18.54
CA ASN A 244 22.37 34.39 -18.73
C ASN A 244 21.37 33.95 -17.67
N LEU A 245 20.90 34.86 -16.83
CA LEU A 245 19.93 34.54 -15.78
C LEU A 245 18.53 34.30 -16.33
N ILE A 246 17.95 33.15 -15.96
CA ILE A 246 16.53 32.86 -16.19
C ILE A 246 15.86 33.07 -14.83
N ALA A 247 15.20 34.22 -14.67
CA ALA A 247 14.79 34.70 -13.36
C ALA A 247 13.46 34.10 -12.90
N PRO A 248 13.26 33.97 -11.59
CA PRO A 248 11.94 33.64 -11.08
C PRO A 248 10.98 34.82 -11.19
N ARG A 249 9.69 34.49 -11.32
CA ARG A 249 8.64 35.49 -11.30
C ARG A 249 8.02 35.64 -9.91
N GLY A 250 8.46 34.82 -8.98
CA GLY A 250 7.93 34.76 -7.63
C GLY A 250 8.22 33.37 -7.09
N TYR A 251 7.43 32.95 -6.11
CA TYR A 251 7.74 31.71 -5.42
C TYR A 251 6.53 30.79 -5.43
N PHE A 252 6.82 29.51 -5.25
CA PHE A 252 5.82 28.52 -4.93
C PHE A 252 5.71 28.37 -3.43
N LYS A 253 4.48 28.26 -2.93
CA LYS A 253 4.36 28.09 -1.49
C LYS A 253 4.67 26.62 -1.27
N ILE A 254 5.64 26.33 -0.44
CA ILE A 254 6.00 24.94 -0.16
C ILE A 254 5.23 24.49 1.05
N ARG A 255 4.58 23.33 0.95
CA ARG A 255 3.89 22.77 2.09
C ARG A 255 4.57 21.46 2.44
N ASN A 256 4.08 20.84 3.50
CA ASN A 256 4.28 19.40 3.65
C ASN A 256 2.95 18.80 4.06
N GLY A 257 2.69 17.62 3.54
CA GLY A 257 1.46 16.92 3.84
C GLY A 257 1.60 15.49 3.37
N LYS A 258 0.47 14.89 3.03
CA LYS A 258 0.41 13.47 2.72
C LYS A 258 0.55 13.23 1.23
N SER A 259 0.98 14.24 0.47
CA SER A 259 0.99 14.16 -0.97
C SER A 259 2.19 13.36 -1.48
N SER A 260 2.05 12.82 -2.68
CA SER A 260 3.13 12.13 -3.34
C SER A 260 2.92 12.20 -4.85
N ILE A 261 3.68 11.38 -5.58
CA ILE A 261 3.59 11.30 -7.03
C ILE A 261 3.69 9.82 -7.39
N MET A 262 3.07 9.43 -8.50
CA MET A 262 3.10 8.04 -8.93
C MET A 262 3.14 7.98 -10.44
N ARG A 263 3.92 7.03 -10.97
CA ARG A 263 3.91 6.77 -12.40
C ARG A 263 2.87 5.69 -12.67
N SER A 264 1.89 5.99 -13.52
CA SER A 264 0.83 5.03 -13.80
C SER A 264 0.12 5.42 -15.09
N ASP A 265 -0.29 4.41 -15.87
CA ASP A 265 -1.19 4.65 -17.00
C ASP A 265 -2.63 4.21 -16.72
N ALA A 266 -2.97 3.93 -15.47
CA ALA A 266 -4.33 3.51 -15.16
C ALA A 266 -5.30 4.69 -15.25
N PRO A 267 -6.48 4.49 -15.84
CA PRO A 267 -7.48 5.57 -15.89
C PRO A 267 -8.07 5.87 -14.51
N ILE A 268 -8.47 7.13 -14.33
CA ILE A 268 -9.10 7.58 -13.11
C ILE A 268 -10.60 7.34 -13.23
N GLY A 269 -11.22 6.76 -12.20
CA GLY A 269 -12.63 6.42 -12.25
C GLY A 269 -13.40 6.97 -11.06
N ASN A 270 -14.72 6.94 -11.21
CA ASN A 270 -15.67 7.40 -10.19
C ASN A 270 -15.92 6.25 -9.21
N CYS A 271 -15.02 6.12 -8.24
CA CYS A 271 -15.12 5.07 -7.23
C CYS A 271 -14.30 5.49 -6.01
N SER A 272 -14.32 4.65 -4.98
CA SER A 272 -13.64 4.94 -3.72
C SER A 272 -12.77 3.77 -3.31
N SER A 273 -11.49 4.06 -3.03
CA SER A 273 -10.57 3.06 -2.53
C SER A 273 -9.42 3.76 -1.82
N GLU A 274 -9.10 3.30 -0.61
CA GLU A 274 -8.05 3.96 0.17
C GLU A 274 -6.68 3.73 -0.45
N CYS A 275 -6.49 2.60 -1.12
CA CYS A 275 -5.18 2.15 -1.59
C CYS A 275 -5.08 2.31 -3.10
N ILE A 276 -4.03 2.97 -3.55
CA ILE A 276 -3.76 3.19 -4.96
C ILE A 276 -2.41 2.55 -5.28
N THR A 277 -2.34 1.82 -6.38
CA THR A 277 -1.10 1.35 -6.96
C THR A 277 -1.02 1.77 -8.41
N PRO A 278 0.15 1.67 -9.03
CA PRO A 278 0.26 1.98 -10.47
C PRO A 278 -0.62 1.08 -11.33
N ASN A 279 -0.96 -0.12 -10.86
CA ASN A 279 -1.86 -1.00 -11.58
C ASN A 279 -3.32 -0.58 -11.46
N GLY A 280 -3.65 0.35 -10.56
CA GLY A 280 -5.01 0.68 -10.22
C GLY A 280 -5.25 0.56 -8.73
N SER A 281 -6.43 1.03 -8.31
CA SER A 281 -6.76 0.91 -6.90
C SER A 281 -6.98 -0.55 -6.54
N ILE A 282 -6.70 -0.91 -5.28
CA ILE A 282 -6.97 -2.25 -4.79
C ILE A 282 -7.69 -2.23 -3.44
N PRO A 283 -8.50 -3.24 -3.14
CA PRO A 283 -9.05 -3.39 -1.79
C PRO A 283 -7.95 -3.56 -0.74
N ASN A 284 -8.25 -3.12 0.50
CA ASN A 284 -7.30 -3.23 1.60
C ASN A 284 -7.90 -4.04 2.73
N ASP A 285 -8.84 -4.93 2.40
CA ASP A 285 -9.38 -5.83 3.41
C ASP A 285 -8.38 -6.88 3.84
N LYS A 286 -7.45 -7.28 2.93
CA LYS A 286 -6.43 -8.26 3.29
C LYS A 286 -5.17 -7.59 3.84
N PRO A 287 -4.40 -8.27 4.69
CA PRO A 287 -3.23 -7.62 5.29
C PRO A 287 -2.03 -7.51 4.36
N PHE A 288 -2.00 -8.28 3.27
CA PHE A 288 -0.86 -8.34 2.38
C PHE A 288 -1.35 -8.18 0.93
N GLN A 289 -0.43 -7.83 0.03
CA GLN A 289 -0.80 -7.68 -1.37
C GLN A 289 0.40 -8.01 -2.26
N ASN A 290 0.09 -8.45 -3.48
CA ASN A 290 1.08 -8.84 -4.49
C ASN A 290 0.91 -8.04 -5.77
N VAL A 291 0.20 -6.92 -5.74
CA VAL A 291 -0.06 -6.18 -6.99
C VAL A 291 1.18 -5.39 -7.40
N ASN A 292 1.74 -4.61 -6.47
CA ASN A 292 2.87 -3.73 -6.78
C ASN A 292 3.51 -3.28 -5.47
N ARG A 293 4.83 -3.16 -5.48
CA ARG A 293 5.53 -2.60 -4.32
C ARG A 293 5.30 -1.10 -4.18
N ILE A 294 4.87 -0.44 -5.26
CA ILE A 294 4.56 0.99 -5.26
C ILE A 294 3.11 1.17 -4.85
N THR A 295 2.88 1.85 -3.73
CA THR A 295 1.50 2.15 -3.31
C THR A 295 1.40 3.54 -2.71
N TYR A 296 0.15 3.96 -2.50
CA TYR A 296 -0.19 5.23 -1.87
C TYR A 296 -1.49 5.03 -1.12
N GLY A 297 -1.52 5.44 0.14
CA GLY A 297 -2.73 5.39 0.93
C GLY A 297 -2.67 4.25 1.94
N ALA A 298 -3.85 3.82 2.37
CA ALA A 298 -3.96 2.76 3.38
C ALA A 298 -3.91 1.42 2.66
N CYS A 299 -2.72 0.81 2.62
CA CYS A 299 -2.51 -0.33 1.74
C CYS A 299 -2.10 -1.59 2.48
N PRO A 300 -2.47 -2.76 1.94
CA PRO A 300 -1.88 -4.00 2.43
C PRO A 300 -0.38 -4.00 2.12
N ARG A 301 0.39 -4.69 2.95
CA ARG A 301 1.82 -4.65 2.81
C ARG A 301 2.28 -5.56 1.68
N TYR A 302 3.26 -5.10 0.92
CA TYR A 302 3.71 -5.85 -0.26
C TYR A 302 4.59 -7.02 0.15
N VAL A 303 4.31 -8.19 -0.41
CA VAL A 303 5.07 -9.41 -0.17
C VAL A 303 5.33 -10.11 -1.50
N LYS A 304 6.29 -11.04 -1.49
CA LYS A 304 6.61 -11.81 -2.68
C LYS A 304 5.60 -12.90 -2.98
N GLN A 305 4.91 -13.43 -1.97
CA GLN A 305 4.02 -14.55 -2.20
C GLN A 305 2.81 -14.11 -3.02
N ASN A 306 2.33 -14.99 -3.90
CA ASN A 306 1.12 -14.71 -4.64
C ASN A 306 -0.12 -15.31 -4.01
N THR A 307 0.04 -16.13 -2.98
CA THR A 307 -1.11 -16.62 -2.24
C THR A 307 -0.65 -16.97 -0.83
N LEU A 308 -1.44 -16.57 0.16
CA LEU A 308 -1.24 -17.00 1.53
C LEU A 308 -2.61 -17.24 2.12
N LYS A 309 -2.93 -18.50 2.39
CA LYS A 309 -4.24 -18.90 2.85
C LYS A 309 -4.27 -19.15 4.35
N LEU A 310 -5.18 -18.47 5.03
CA LEU A 310 -5.37 -18.59 6.47
C LEU A 310 -6.52 -19.57 6.71
N ALA A 311 -6.24 -20.66 7.41
CA ALA A 311 -7.29 -21.63 7.69
C ALA A 311 -8.35 -20.92 8.53
N THR A 312 -9.62 -21.12 8.17
CA THR A 312 -10.74 -20.64 8.98
C THR A 312 -11.65 -21.77 9.42
N GLY A 313 -11.14 -23.00 9.46
CA GLY A 313 -11.91 -24.12 9.95
C GLY A 313 -10.96 -25.24 10.35
N MET A 314 -11.53 -26.36 10.80
CA MET A 314 -10.70 -27.39 11.38
C MET A 314 -10.09 -28.25 10.26
N ARG A 315 -9.22 -29.18 10.66
CA ARG A 315 -8.78 -30.22 9.75
C ARG A 315 -9.96 -30.93 9.12
N ASN A 316 -9.84 -31.21 7.82
CA ASN A 316 -10.87 -31.89 7.04
C ASN A 316 -10.51 -33.37 6.88
N VAL A 317 -11.43 -34.23 7.32
CA VAL A 317 -11.14 -35.66 7.34
C VAL A 317 -12.26 -36.44 6.64
N PRO A 318 -12.19 -36.57 5.31
CA PRO A 318 -13.33 -37.06 4.52
C PRO A 318 -13.70 -38.48 4.84
N GLU A 319 -14.98 -38.81 4.62
CA GLU A 319 -15.53 -40.09 4.98
C GLU A 319 -15.17 -41.12 3.92
N GLY B 1 -4.31 -32.20 15.73
CA GLY B 1 -3.28 -33.19 15.94
C GLY B 1 -2.73 -33.24 17.35
N ILE B 2 -2.62 -32.07 17.98
CA ILE B 2 -1.95 -31.98 19.27
C ILE B 2 -2.73 -32.69 20.37
N PHE B 3 -4.03 -32.95 20.16
CA PHE B 3 -4.84 -33.65 21.14
C PHE B 3 -5.27 -35.04 20.69
N GLY B 4 -5.01 -35.41 19.44
CA GLY B 4 -5.34 -36.73 18.96
C GLY B 4 -6.82 -37.02 18.83
N ALA B 5 -7.68 -36.03 19.09
CA ALA B 5 -9.11 -36.20 18.83
C ALA B 5 -9.37 -36.16 17.32
N ILE B 6 -9.27 -34.96 16.71
CA ILE B 6 -9.55 -34.93 15.30
C ILE B 6 -8.38 -35.61 14.60
N ALA B 7 -8.62 -36.11 13.38
CA ALA B 7 -7.58 -36.79 12.61
C ALA B 7 -6.82 -37.82 13.48
N GLY B 8 -7.50 -38.36 14.50
CA GLY B 8 -6.91 -39.30 15.45
C GLY B 8 -7.97 -40.25 15.96
N PHE B 9 -8.29 -40.22 17.26
CA PHE B 9 -9.07 -41.31 17.81
C PHE B 9 -10.49 -41.27 17.26
N ILE B 10 -10.90 -40.14 16.71
CA ILE B 10 -12.20 -40.00 16.05
C ILE B 10 -11.93 -40.24 14.57
N GLU B 11 -12.17 -41.48 14.13
CA GLU B 11 -11.91 -41.98 12.78
C GLU B 11 -11.94 -40.93 11.69
N ASN B 12 -13.02 -40.15 11.60
CA ASN B 12 -13.14 -39.12 10.59
C ASN B 12 -14.34 -38.24 10.89
N GLY B 13 -14.52 -37.20 10.07
CA GLY B 13 -15.63 -36.29 10.19
C GLY B 13 -16.91 -36.72 9.51
N TRP B 14 -17.93 -35.91 9.74
CA TRP B 14 -19.30 -36.19 9.32
C TRP B 14 -19.69 -35.18 8.27
N GLU B 15 -19.85 -35.63 7.02
CA GLU B 15 -20.17 -34.69 5.96
C GLU B 15 -21.63 -34.28 6.03
N GLY B 16 -22.49 -35.11 6.63
CA GLY B 16 -23.88 -34.78 6.83
C GLY B 16 -24.15 -33.84 7.97
N MET B 17 -23.12 -33.42 8.72
CA MET B 17 -23.29 -32.46 9.80
C MET B 17 -23.10 -31.06 9.22
N VAL B 18 -24.20 -30.45 8.82
CA VAL B 18 -24.15 -29.13 8.20
C VAL B 18 -24.94 -28.10 9.00
N ASP B 19 -25.18 -28.34 10.29
CA ASP B 19 -25.69 -27.31 11.18
C ASP B 19 -24.74 -27.01 12.33
N GLY B 20 -23.51 -27.51 12.27
CA GLY B 20 -22.55 -27.22 13.32
C GLY B 20 -21.22 -27.89 13.02
N TRP B 21 -20.23 -27.54 13.84
CA TRP B 21 -18.87 -28.06 13.66
C TRP B 21 -18.66 -29.33 14.47
N TYR B 22 -19.34 -29.45 15.60
CA TYR B 22 -19.21 -30.56 16.53
C TYR B 22 -20.62 -31.01 16.87
N GLY B 23 -20.77 -32.26 17.27
CA GLY B 23 -22.10 -32.73 17.61
C GLY B 23 -22.15 -34.17 18.03
N PHE B 24 -23.36 -34.71 18.01
CA PHE B 24 -23.67 -35.99 18.60
C PHE B 24 -24.38 -36.86 17.57
N ARG B 25 -24.01 -38.14 17.54
CA ARG B 25 -24.81 -39.15 16.86
C ARG B 25 -25.11 -40.22 17.89
N HIS B 26 -26.32 -40.77 17.83
CA HIS B 26 -26.72 -41.75 18.82
C HIS B 26 -27.44 -42.92 18.18
N GLN B 27 -27.47 -44.04 18.90
CA GLN B 27 -28.28 -45.20 18.58
C GLN B 27 -28.91 -45.72 19.86
N ASN B 28 -30.23 -45.88 19.87
CA ASN B 28 -30.90 -46.29 21.10
C ASN B 28 -32.16 -47.07 20.73
N SER B 29 -33.01 -47.31 21.72
CA SER B 29 -34.20 -48.13 21.52
C SER B 29 -35.24 -47.50 20.60
N GLU B 30 -35.13 -46.20 20.30
CA GLU B 30 -36.08 -45.54 19.42
C GLU B 30 -35.50 -45.26 18.03
N GLY B 31 -34.22 -45.55 17.82
CA GLY B 31 -33.61 -45.37 16.52
C GLY B 31 -32.29 -44.64 16.61
N THR B 32 -32.04 -43.76 15.66
CA THR B 32 -30.77 -43.06 15.52
C THR B 32 -31.06 -41.62 15.12
N GLY B 33 -30.12 -40.73 15.44
CA GLY B 33 -30.29 -39.35 15.07
C GLY B 33 -28.98 -38.61 15.20
N GLN B 34 -29.00 -37.33 14.82
CA GLN B 34 -27.81 -36.50 14.83
C GLN B 34 -28.17 -35.09 15.29
N ALA B 35 -27.35 -34.52 16.17
CA ALA B 35 -27.57 -33.16 16.66
C ALA B 35 -26.25 -32.43 16.83
N ALA B 36 -26.19 -31.19 16.34
CA ALA B 36 -25.02 -30.34 16.53
C ALA B 36 -24.93 -29.83 17.96
N ASP B 37 -23.70 -29.64 18.44
CA ASP B 37 -23.45 -28.95 19.71
C ASP B 37 -23.09 -27.49 19.46
N LEU B 38 -23.95 -26.58 19.93
CA LEU B 38 -23.81 -25.18 19.56
C LEU B 38 -22.66 -24.49 20.29
N LYS B 39 -22.44 -24.79 21.57
CA LYS B 39 -21.43 -24.05 22.33
C LYS B 39 -20.02 -24.33 21.83
N SER B 40 -19.68 -25.61 21.65
CA SER B 40 -18.33 -25.89 21.19
C SER B 40 -18.13 -25.38 19.78
N THR B 41 -19.17 -25.45 18.95
CA THR B 41 -19.06 -24.90 17.61
C THR B 41 -18.80 -23.40 17.66
N GLN B 42 -19.59 -22.69 18.46
CA GLN B 42 -19.43 -21.24 18.58
C GLN B 42 -18.09 -20.88 19.21
N ALA B 43 -17.64 -21.68 20.18
CA ALA B 43 -16.36 -21.41 20.83
C ALA B 43 -15.21 -21.45 19.83
N ALA B 44 -15.23 -22.41 18.91
CA ALA B 44 -14.20 -22.46 17.89
C ALA B 44 -14.35 -21.31 16.91
N ILE B 45 -15.60 -21.07 16.43
CA ILE B 45 -15.83 -19.99 15.47
C ILE B 45 -15.43 -18.65 16.07
N ASP B 46 -15.72 -18.44 17.36
CA ASP B 46 -15.36 -17.16 17.97
C ASP B 46 -13.86 -16.97 17.99
N GLN B 47 -13.11 -18.04 18.27
CA GLN B 47 -11.66 -17.93 18.28
C GLN B 47 -11.11 -17.64 16.90
N ILE B 48 -11.66 -18.30 15.88
CA ILE B 48 -11.21 -18.09 14.52
C ILE B 48 -11.56 -16.69 14.04
N ASN B 49 -12.78 -16.24 14.32
CA ASN B 49 -13.18 -14.88 13.98
C ASN B 49 -12.30 -13.85 14.70
N GLY B 50 -11.86 -14.20 15.92
CA GLY B 50 -10.90 -13.36 16.63
C GLY B 50 -9.60 -13.17 15.88
N LYS B 51 -9.01 -14.25 15.37
CA LYS B 51 -7.75 -14.14 14.67
C LYS B 51 -7.90 -13.43 13.34
N LEU B 52 -9.04 -13.63 12.66
CA LEU B 52 -9.26 -12.88 11.43
C LEU B 52 -9.29 -11.38 11.66
N ASN B 53 -9.90 -10.93 12.76
CA ASN B 53 -9.98 -9.49 13.04
C ASN B 53 -8.63 -8.87 13.35
N ARG B 54 -7.75 -9.61 14.04
CA ARG B 54 -6.43 -9.08 14.36
C ARG B 54 -5.57 -8.87 13.12
N LEU B 55 -5.77 -9.68 12.09
CA LEU B 55 -5.02 -9.53 10.85
C LEU B 55 -5.56 -8.40 9.97
N ILE B 56 -6.69 -7.81 10.33
CA ILE B 56 -7.44 -6.92 9.45
C ILE B 56 -7.54 -5.58 10.18
N GLU B 57 -6.51 -5.28 10.98
CA GLU B 57 -6.48 -4.10 11.83
C GLU B 57 -5.59 -3.03 11.25
N LYS B 58 -4.33 -3.38 10.98
CA LYS B 58 -3.30 -2.43 10.60
C LYS B 58 -3.81 -1.55 9.48
N THR B 59 -3.41 -0.29 9.52
CA THR B 59 -3.81 0.65 8.50
C THR B 59 -2.72 0.68 7.46
N ASN B 60 -1.51 1.00 7.88
CA ASN B 60 -0.37 1.08 6.99
C ASN B 60 -0.81 2.05 5.91
N GLU B 61 -0.95 3.26 6.39
CA GLU B 61 -1.21 4.37 5.52
C GLU B 61 0.19 4.85 5.25
N LYS B 62 0.62 4.74 4.01
CA LYS B 62 1.92 5.27 3.69
C LYS B 62 1.70 6.17 2.49
N PHE B 63 2.42 7.28 2.43
CA PHE B 63 2.05 8.23 1.39
C PHE B 63 3.24 8.49 0.49
N GLN B 64 4.17 9.32 0.95
CA GLN B 64 5.36 9.66 0.20
C GLN B 64 6.51 8.78 0.68
N GLN B 65 7.00 7.92 -0.20
CA GLN B 65 8.03 6.95 0.15
C GLN B 65 9.28 7.24 -0.66
N ILE B 66 9.90 6.24 -1.29
CA ILE B 66 10.97 6.39 -2.26
C ILE B 66 10.45 5.87 -3.60
N GLU B 67 11.12 6.25 -4.67
CA GLU B 67 10.86 5.63 -5.95
C GLU B 67 11.36 4.18 -5.92
N LYS B 68 10.69 3.33 -6.70
CA LYS B 68 10.95 1.90 -6.69
C LYS B 68 11.15 1.36 -8.09
N GLU B 69 10.95 2.17 -9.11
CA GLU B 69 11.30 1.80 -10.47
C GLU B 69 12.13 2.95 -11.04
N PHE B 70 13.06 2.60 -11.91
CA PHE B 70 14.04 3.55 -12.38
C PHE B 70 14.25 3.31 -13.86
N SER B 71 14.29 4.38 -14.63
CA SER B 71 14.49 4.24 -16.05
C SER B 71 15.92 4.53 -16.46
N GLU B 72 16.75 5.00 -15.53
CA GLU B 72 18.12 5.32 -15.83
C GLU B 72 19.03 4.50 -14.92
N VAL B 73 20.20 4.14 -15.41
CA VAL B 73 21.21 3.48 -14.58
C VAL B 73 21.97 4.58 -13.84
N GLU B 74 22.10 4.44 -12.54
CA GLU B 74 22.67 5.54 -11.75
C GLU B 74 23.77 5.13 -10.80
N GLY B 75 23.96 3.86 -10.48
CA GLY B 75 24.98 3.49 -9.52
C GLY B 75 24.53 3.53 -8.08
N ARG B 76 25.39 4.12 -7.25
CA ARG B 76 25.41 3.93 -5.81
C ARG B 76 24.07 4.23 -5.16
N ILE B 77 23.50 5.40 -5.45
CA ILE B 77 22.30 5.82 -4.73
C ILE B 77 21.14 4.88 -5.05
N GLN B 78 21.02 4.49 -6.32
CA GLN B 78 19.95 3.58 -6.74
C GLN B 78 20.16 2.16 -6.22
N ASP B 79 21.42 1.71 -6.11
CA ASP B 79 21.65 0.42 -5.49
C ASP B 79 21.07 0.42 -4.09
N LEU B 80 21.27 1.52 -3.37
CA LEU B 80 20.80 1.58 -2.00
C LEU B 80 19.29 1.68 -1.97
N GLU B 81 18.71 2.52 -2.83
CA GLU B 81 17.25 2.57 -2.95
C GLU B 81 16.67 1.19 -3.23
N LYS B 82 17.24 0.48 -4.21
CA LYS B 82 16.76 -0.87 -4.55
C LYS B 82 16.95 -1.85 -3.40
N TYR B 83 18.12 -1.80 -2.76
CA TYR B 83 18.44 -2.74 -1.69
C TYR B 83 17.55 -2.57 -0.47
N VAL B 84 17.27 -1.33 -0.08
CA VAL B 84 16.43 -1.07 1.08
C VAL B 84 15.05 -1.67 0.89
N GLU B 85 14.46 -1.48 -0.31
CA GLU B 85 13.10 -1.98 -0.58
C GLU B 85 13.12 -3.49 -0.68
N ASP B 86 14.12 -4.04 -1.34
CA ASP B 86 14.26 -5.50 -1.41
C ASP B 86 14.36 -6.06 0.00
N THR B 87 15.16 -5.40 0.85
CA THR B 87 15.30 -5.82 2.23
C THR B 87 13.94 -5.82 2.91
N LYS B 88 13.18 -4.74 2.72
CA LYS B 88 11.86 -4.59 3.31
C LYS B 88 10.90 -5.69 2.85
N ILE B 89 10.84 -5.96 1.54
CA ILE B 89 9.89 -6.94 1.03
C ILE B 89 10.22 -8.35 1.51
N ASP B 90 11.52 -8.68 1.62
CA ASP B 90 11.88 -10.02 2.07
C ASP B 90 11.52 -10.21 3.54
N LEU B 91 11.69 -9.18 4.37
CA LEU B 91 11.34 -9.30 5.77
C LEU B 91 9.83 -9.45 5.97
N TRP B 92 9.03 -8.67 5.23
CA TRP B 92 7.58 -8.82 5.30
C TRP B 92 7.14 -10.17 4.75
N SER B 93 7.80 -10.64 3.68
CA SER B 93 7.45 -11.95 3.15
C SER B 93 7.70 -13.03 4.18
N TYR B 94 8.79 -12.93 4.94
CA TYR B 94 9.00 -13.85 6.05
C TYR B 94 7.91 -13.71 7.09
N ASN B 95 7.59 -12.47 7.49
CA ASN B 95 6.56 -12.27 8.49
C ASN B 95 5.23 -12.87 8.05
N ALA B 96 4.90 -12.69 6.77
CA ALA B 96 3.63 -13.19 6.28
C ALA B 96 3.62 -14.71 6.26
N GLU B 97 4.70 -15.32 5.77
CA GLU B 97 4.79 -16.77 5.70
C GLU B 97 4.70 -17.37 7.11
N LEU B 98 5.48 -16.81 8.05
CA LEU B 98 5.50 -17.33 9.41
C LEU B 98 4.15 -17.12 10.11
N LEU B 99 3.56 -15.93 9.94
CA LEU B 99 2.27 -15.64 10.57
C LEU B 99 1.24 -16.67 10.17
N VAL B 100 1.15 -16.97 8.88
CA VAL B 100 0.19 -17.94 8.39
C VAL B 100 0.53 -19.32 8.92
N ALA B 101 1.82 -19.66 8.94
CA ALA B 101 2.22 -20.97 9.44
C ALA B 101 1.87 -21.10 10.91
N LEU B 102 2.07 -20.04 11.69
CA LEU B 102 1.74 -20.07 13.11
C LEU B 102 0.23 -20.12 13.30
N GLU B 103 -0.49 -19.24 12.60
CA GLU B 103 -1.95 -19.19 12.74
C GLU B 103 -2.59 -20.52 12.36
N ASN B 104 -2.14 -21.10 11.25
CA ASN B 104 -2.74 -22.36 10.80
C ASN B 104 -2.45 -23.49 11.77
N GLN B 105 -1.22 -23.58 12.26
CA GLN B 105 -0.88 -24.57 13.28
C GLN B 105 -1.78 -24.40 14.51
N HIS B 106 -2.00 -23.17 14.92
CA HIS B 106 -2.78 -22.91 16.12
C HIS B 106 -4.26 -23.20 15.87
N THR B 107 -4.76 -22.88 14.67
CA THR B 107 -6.15 -23.19 14.32
C THR B 107 -6.45 -24.68 14.33
N ILE B 108 -5.59 -25.52 13.73
CA ILE B 108 -5.83 -26.96 13.80
C ILE B 108 -5.77 -27.46 15.24
N ASP B 109 -4.77 -27.01 16.01
CA ASP B 109 -4.64 -27.45 17.39
C ASP B 109 -5.83 -27.01 18.23
N LEU B 110 -6.29 -25.77 18.02
CA LEU B 110 -7.38 -25.22 18.84
C LEU B 110 -8.71 -25.85 18.47
N THR B 111 -8.91 -26.22 17.20
CA THR B 111 -10.14 -26.90 16.82
C THR B 111 -10.13 -28.33 17.32
N ASP B 112 -8.94 -28.95 17.35
CA ASP B 112 -8.77 -30.24 18.01
C ASP B 112 -9.12 -30.13 19.49
N SER B 113 -8.74 -29.04 20.14
CA SER B 113 -8.99 -28.89 21.58
C SER B 113 -10.48 -28.78 21.88
N GLU B 114 -11.24 -28.07 21.04
CA GLU B 114 -12.69 -28.01 21.24
C GLU B 114 -13.30 -29.40 21.13
N MET B 115 -12.78 -30.22 20.22
CA MET B 115 -13.28 -31.58 20.08
C MET B 115 -13.07 -32.36 21.37
N ASN B 116 -11.84 -32.32 21.89
CA ASN B 116 -11.50 -33.02 23.12
C ASN B 116 -12.29 -32.49 24.31
N LYS B 117 -12.51 -31.17 24.38
CA LYS B 117 -13.21 -30.62 25.54
C LYS B 117 -14.64 -31.11 25.58
N LEU B 118 -15.26 -31.24 24.41
CA LEU B 118 -16.62 -31.76 24.35
C LEU B 118 -16.66 -33.23 24.75
N PHE B 119 -15.65 -34.00 24.34
CA PHE B 119 -15.59 -35.39 24.76
C PHE B 119 -15.46 -35.50 26.27
N GLU B 120 -14.54 -34.73 26.86
CA GLU B 120 -14.34 -34.78 28.32
C GLU B 120 -15.56 -34.27 29.08
N LYS B 121 -16.19 -33.19 28.58
CA LYS B 121 -17.41 -32.70 29.20
C LYS B 121 -18.49 -33.78 29.22
N THR B 122 -18.68 -34.44 28.08
CA THR B 122 -19.65 -35.51 27.97
C THR B 122 -19.26 -36.69 28.85
N ARG B 123 -17.97 -37.05 28.87
CA ARG B 123 -17.53 -38.14 29.72
C ARG B 123 -17.91 -37.87 31.16
N LYS B 124 -17.48 -36.72 31.67
CA LYS B 124 -17.67 -36.38 33.08
C LYS B 124 -19.13 -36.48 33.49
N GLN B 125 -20.05 -36.01 32.63
CA GLN B 125 -21.47 -36.16 32.96
C GLN B 125 -21.86 -37.61 33.11
N LEU B 126 -21.37 -38.47 32.24
CA LEU B 126 -21.89 -39.83 32.20
C LEU B 126 -21.45 -40.63 33.41
N ARG B 127 -20.37 -40.22 34.07
CA ARG B 127 -19.94 -40.78 35.36
C ARG B 127 -19.76 -42.27 35.15
N GLU B 128 -20.36 -43.11 35.97
CA GLU B 128 -20.16 -44.54 35.87
C GLU B 128 -21.21 -45.21 34.97
N ASN B 129 -21.96 -44.45 34.19
CA ASN B 129 -23.10 -44.99 33.45
C ASN B 129 -22.74 -45.36 32.02
N ALA B 130 -21.50 -45.13 31.61
CA ALA B 130 -21.06 -45.30 30.22
C ALA B 130 -19.59 -45.67 30.22
N GLU B 131 -19.13 -46.29 29.14
CA GLU B 131 -17.69 -46.47 28.95
C GLU B 131 -17.25 -45.92 27.59
N ASP B 132 -16.02 -45.40 27.55
CA ASP B 132 -15.44 -44.90 26.31
C ASP B 132 -14.97 -46.06 25.43
N MET B 133 -15.53 -46.21 24.23
CA MET B 133 -15.05 -47.34 23.46
C MET B 133 -13.73 -47.03 22.74
N GLY B 134 -13.23 -45.79 22.81
CA GLY B 134 -11.95 -45.41 22.23
C GLY B 134 -11.99 -44.88 20.83
N ASN B 135 -13.16 -44.87 20.20
CA ASN B 135 -13.34 -44.42 18.83
C ASN B 135 -14.19 -43.16 18.79
N GLY B 136 -14.26 -42.42 19.89
CA GLY B 136 -15.13 -41.26 19.98
C GLY B 136 -16.57 -41.54 20.32
N CYS B 137 -16.88 -42.72 20.86
CA CYS B 137 -18.24 -43.05 21.21
C CYS B 137 -18.25 -43.56 22.64
N PHE B 138 -19.41 -43.42 23.27
CA PHE B 138 -19.67 -43.97 24.57
C PHE B 138 -20.67 -45.10 24.41
N LYS B 139 -20.41 -46.23 25.08
CA LYS B 139 -21.45 -47.23 25.30
C LYS B 139 -22.20 -46.85 26.57
N ILE B 140 -23.50 -46.61 26.44
CA ILE B 140 -24.35 -46.24 27.57
C ILE B 140 -25.08 -47.49 28.05
N TYR B 141 -24.85 -47.84 29.31
CA TYR B 141 -25.23 -49.13 29.85
C TYR B 141 -26.63 -49.12 30.46
N HIS B 142 -27.55 -48.33 29.95
CA HIS B 142 -28.94 -48.35 30.40
C HIS B 142 -29.84 -47.93 29.25
N LYS B 143 -31.15 -48.19 29.39
CA LYS B 143 -32.08 -47.67 28.40
C LYS B 143 -32.08 -46.14 28.43
N CYS B 144 -31.91 -45.51 27.26
CA CYS B 144 -31.64 -44.08 27.23
C CYS B 144 -32.34 -43.57 25.97
N ASP B 145 -33.63 -43.28 26.09
CA ASP B 145 -34.45 -42.90 24.94
C ASP B 145 -34.09 -41.49 24.47
N ASN B 146 -34.89 -40.96 23.52
CA ASN B 146 -34.53 -39.71 22.86
C ASN B 146 -34.54 -38.55 23.84
N ALA B 147 -35.45 -38.58 24.80
CA ALA B 147 -35.46 -37.53 25.82
C ALA B 147 -34.19 -37.64 26.65
N CYS B 148 -33.75 -38.87 26.88
CA CYS B 148 -32.52 -39.13 27.62
C CYS B 148 -31.29 -38.65 26.87
N ILE B 149 -31.20 -38.96 25.57
CA ILE B 149 -30.14 -38.40 24.75
C ILE B 149 -30.18 -36.89 24.79
N GLY B 150 -31.39 -36.32 24.71
CA GLY B 150 -31.51 -34.88 24.79
C GLY B 150 -30.96 -34.33 26.09
N SER B 151 -31.13 -35.07 27.19
CA SER B 151 -30.63 -34.55 28.46
C SER B 151 -29.11 -34.54 28.48
N ILE B 152 -28.46 -35.51 27.83
CA ILE B 152 -27.00 -35.47 27.75
C ILE B 152 -26.56 -34.30 26.89
N ARG B 153 -27.21 -34.14 25.73
CA ARG B 153 -26.84 -33.06 24.82
C ARG B 153 -27.07 -31.70 25.45
N ASN B 154 -28.10 -31.60 26.29
CA ASN B 154 -28.50 -30.34 26.91
C ASN B 154 -27.72 -30.08 28.19
N GLY B 155 -27.01 -31.08 28.70
CA GLY B 155 -26.32 -30.94 29.96
C GLY B 155 -27.21 -31.06 31.17
N THR B 156 -28.39 -31.68 31.03
CA THR B 156 -29.29 -31.86 32.16
C THR B 156 -29.39 -33.32 32.58
N TYR B 157 -28.51 -34.18 32.07
CA TYR B 157 -28.54 -35.60 32.40
C TYR B 157 -28.30 -35.80 33.88
N ASP B 158 -29.15 -36.59 34.53
CA ASP B 158 -29.05 -36.88 35.96
C ASP B 158 -28.51 -38.31 36.09
N HIS B 159 -27.21 -38.45 36.32
CA HIS B 159 -26.63 -39.79 36.30
C HIS B 159 -27.18 -40.66 37.42
N ASP B 160 -27.61 -40.06 38.54
CA ASP B 160 -28.08 -40.83 39.68
C ASP B 160 -29.34 -41.61 39.37
N VAL B 161 -30.15 -41.13 38.42
CA VAL B 161 -31.39 -41.82 38.05
C VAL B 161 -31.09 -43.18 37.46
N TYR B 162 -29.97 -43.32 36.75
CA TYR B 162 -29.69 -44.51 35.97
C TYR B 162 -28.59 -45.36 36.57
N ARG B 163 -27.95 -44.91 37.66
CA ARG B 163 -26.69 -45.53 38.08
C ARG B 163 -26.89 -46.99 38.45
N ASP B 164 -27.97 -47.29 39.17
CA ASP B 164 -28.23 -48.66 39.57
C ASP B 164 -28.41 -49.54 38.35
N GLU B 165 -29.26 -49.11 37.41
CA GLU B 165 -29.43 -49.86 36.18
C GLU B 165 -28.10 -50.03 35.46
N ALA B 166 -27.35 -48.94 35.31
CA ALA B 166 -26.10 -48.99 34.55
C ALA B 166 -25.03 -49.83 35.24
N LEU B 167 -24.84 -49.66 36.55
CA LEU B 167 -23.81 -50.43 37.24
C LEU B 167 -24.09 -51.92 37.19
N ASN B 168 -25.36 -52.30 37.32
CA ASN B 168 -25.75 -53.70 37.25
C ASN B 168 -25.41 -54.27 35.87
N ASN B 169 -25.59 -53.48 34.82
CA ASN B 169 -25.26 -53.89 33.45
C ASN B 169 -23.76 -53.89 33.20
N ARG B 170 -23.02 -52.96 33.81
CA ARG B 170 -21.59 -52.91 33.53
C ARG B 170 -20.89 -54.12 34.12
N PHE B 171 -21.25 -54.50 35.34
CA PHE B 171 -20.44 -55.42 36.14
C PHE B 171 -21.25 -56.70 36.17
N GLN B 172 -21.32 -57.35 35.01
CA GLN B 172 -21.90 -58.67 34.84
C GLN B 172 -20.84 -59.76 34.67
N ILE B 173 -21.33 -60.98 34.45
CA ILE B 173 -20.52 -62.17 34.26
C ILE B 173 -20.96 -62.88 33.00
#